data_6HUS
#
_entry.id   6HUS
#
_cell.length_a   134.200
_cell.length_b   134.200
_cell.length_c   59.990
_cell.angle_alpha   90.000
_cell.angle_beta   90.000
_cell.angle_gamma   120.000
#
_symmetry.space_group_name_H-M   'H 3'
#
loop_
_entity.id
_entity.type
_entity.pdbx_description
1 polymer 'ABC transporter substrate-binding protein'
2 branched beta-D-galactopyranose-(1-4)-beta-D-glucopyranose-(1-3)-alpha-L-fucopyranose-(1-3)-alpha-D-glucopyranose
3 non-polymer '2-(N-MORPHOLINO)-ETHANESULFONIC ACID'
4 non-polymer 'ZINC ION'
5 water water
#
_entity_poly.entity_id   1
_entity_poly.type   'polypeptide(L)'
_entity_poly.pdbx_seq_one_letter_code
;KSDVTAQDVENALTDTSKNVELTVWAYSAKQMEPTVKAFEKKYPHIKINFVNTGAAEDHFTKFQNVVQAQKDIPDVVQMS
ANKFQQFAVSGALLNFANDSIEKAWSKLYTKTAWAQVHYAGGLYGAPQDATPLANYVRKDILDEHNLQVPESWEDIYNEG
IKLHKEDSNKYMGILGSDISFFTNLYRSVGARLWKVNSVDDVELTMNSGKAKEFTEFLQKCLKDGVLEGGTVFTDEFNRS
INDGRYATFINENWMGNTYKEQNPSLKGKMVVAAPPSWKGQPYQSSSVGSMMSVSAACPKEKQAAALAFINWLDSDKDAI
QSWQDTNNGNFFMAASVYQDDENQRNKKETDGYYANDDVNAVYFDSMDKVNTDWEYLPFMSQVEVVFNDVIVPEMNENGD
LVGAMAKAQQKLKAYAEDNGFKVTTDAD
;
_entity_poly.pdbx_strand_id   A
#
# COMPACT_ATOMS: atom_id res chain seq x y z
N LYS A 1 28.68 3.77 -3.32
CA LYS A 1 28.17 2.42 -3.11
C LYS A 1 28.33 2.04 -1.65
N SER A 2 27.26 1.57 -1.02
CA SER A 2 27.32 1.24 0.40
C SER A 2 28.25 0.06 0.62
N ASP A 3 29.16 0.21 1.58
CA ASP A 3 30.06 -0.88 1.94
C ASP A 3 29.65 -1.55 3.26
N VAL A 4 28.42 -1.34 3.72
CA VAL A 4 27.90 -2.07 4.87
C VAL A 4 27.41 -3.42 4.36
N THR A 5 28.11 -4.49 4.71
CA THR A 5 27.78 -5.80 4.18
C THR A 5 26.74 -6.50 5.06
N ALA A 6 26.20 -7.60 4.53
CA ALA A 6 25.28 -8.42 5.30
C ALA A 6 25.92 -8.91 6.60
N GLN A 7 27.22 -9.25 6.55
CA GLN A 7 27.95 -9.63 7.75
C GLN A 7 28.06 -8.48 8.73
N ASP A 8 28.34 -7.27 8.24
CA ASP A 8 28.41 -6.10 9.13
C ASP A 8 27.09 -5.88 9.87
N VAL A 9 25.97 -6.06 9.17
CA VAL A 9 24.65 -5.92 9.79
C VAL A 9 24.49 -6.93 10.92
N GLU A 10 24.82 -8.19 10.67
CA GLU A 10 24.69 -9.20 11.71
C GLU A 10 25.62 -8.90 12.89
N ASN A 11 26.80 -8.35 12.60
CA ASN A 11 27.74 -8.00 13.66
C ASN A 11 27.17 -6.93 14.60
N ALA A 12 26.31 -6.04 14.11
CA ALA A 12 25.73 -5.04 15.01
C ALA A 12 24.89 -5.70 16.10
N LEU A 13 24.31 -6.86 15.81
CA LEU A 13 23.49 -7.56 16.80
C LEU A 13 24.32 -8.42 17.75
N THR A 14 25.38 -9.05 17.24
CA THR A 14 26.22 -9.88 18.09
C THR A 14 27.21 -9.09 18.93
N ASP A 15 27.59 -7.88 18.51
CA ASP A 15 28.59 -7.10 19.24
C ASP A 15 27.88 -6.25 20.29
N THR A 16 27.50 -6.91 21.39
CA THR A 16 26.62 -6.29 22.37
C THR A 16 27.35 -5.30 23.27
N SER A 17 28.68 -5.19 23.18
CA SER A 17 29.40 -4.14 23.87
C SER A 17 29.29 -2.80 23.15
N LYS A 18 28.80 -2.79 21.91
CA LYS A 18 28.71 -1.59 21.11
C LYS A 18 27.28 -1.06 21.21
N ASN A 19 27.04 -0.22 22.20
CA ASN A 19 25.72 0.35 22.43
C ASN A 19 25.37 1.36 21.35
N VAL A 20 24.11 1.31 20.92
CA VAL A 20 23.62 2.23 19.88
C VAL A 20 22.26 2.76 20.31
N GLU A 21 21.98 4.01 19.91
CA GLU A 21 20.66 4.61 20.05
C GLU A 21 20.14 4.92 18.66
N LEU A 22 18.95 4.43 18.35
CA LEU A 22 18.28 4.69 17.07
C LEU A 22 16.95 5.39 17.28
N THR A 23 16.74 6.46 16.53
CA THR A 23 15.44 7.13 16.48
C THR A 23 14.70 6.60 15.26
N VAL A 24 13.49 6.10 15.52
CA VAL A 24 12.63 5.42 14.54
C VAL A 24 11.31 6.18 14.44
N TRP A 25 10.94 6.64 13.25
CA TRP A 25 9.65 7.28 13.01
C TRP A 25 8.69 6.36 12.27
N ALA A 26 7.47 6.22 12.79
CA ALA A 26 6.48 5.36 12.14
C ALA A 26 5.08 5.93 12.30
N TYR A 27 4.31 5.87 11.20
CA TYR A 27 2.88 6.21 11.25
C TYR A 27 2.02 5.03 11.66
N SER A 28 2.41 3.80 11.35
CA SER A 28 1.62 2.62 11.72
C SER A 28 2.04 2.09 13.09
N ALA A 29 2.10 2.98 14.08
CA ALA A 29 2.54 2.59 15.41
C ALA A 29 1.61 1.56 16.03
N LYS A 30 0.30 1.67 15.81
CA LYS A 30 -0.66 0.75 16.40
C LYS A 30 -0.31 -0.70 16.09
N GLN A 31 -0.06 -1.01 14.81
CA GLN A 31 0.19 -2.39 14.43
C GLN A 31 1.63 -2.84 14.70
N MET A 32 2.58 -1.90 14.72
CA MET A 32 4.02 -2.22 14.71
C MET A 32 4.67 -2.17 16.08
N GLU A 33 4.20 -1.32 17.00
CA GLU A 33 5.01 -1.01 18.17
C GLU A 33 5.24 -2.21 19.08
N PRO A 34 4.28 -3.10 19.32
CA PRO A 34 4.60 -4.25 20.20
C PRO A 34 5.79 -5.07 19.69
N THR A 35 5.95 -5.19 18.37
CA THR A 35 7.07 -5.96 17.84
C THR A 35 8.37 -5.16 17.94
N VAL A 36 8.31 -3.82 17.87
CA VAL A 36 9.48 -3.00 18.16
C VAL A 36 9.95 -3.21 19.61
N LYS A 37 9.00 -3.25 20.55
CA LYS A 37 9.36 -3.52 21.94
C LYS A 37 10.01 -4.90 22.07
N ALA A 38 9.55 -5.88 21.30
CA ALA A 38 10.18 -7.21 21.35
C ALA A 38 11.63 -7.14 20.88
N PHE A 39 11.92 -6.33 19.86
CA PHE A 39 13.31 -6.14 19.43
C PHE A 39 14.15 -5.62 20.59
N GLU A 40 13.64 -4.62 21.31
CA GLU A 40 14.43 -3.99 22.36
C GLU A 40 14.70 -4.95 23.50
N LYS A 41 13.75 -5.83 23.79
CA LYS A 41 13.95 -6.81 24.87
C LYS A 41 15.03 -7.81 24.48
N LYS A 42 15.08 -8.18 23.20
CA LYS A 42 16.04 -9.18 22.72
C LYS A 42 17.44 -8.62 22.54
N TYR A 43 17.56 -7.33 22.19
CA TYR A 43 18.84 -6.68 21.96
C TYR A 43 18.93 -5.43 22.82
N PRO A 44 19.13 -5.56 24.12
CA PRO A 44 19.12 -4.37 25.00
C PRO A 44 20.22 -3.36 24.73
N HIS A 45 21.27 -3.74 23.99
CA HIS A 45 22.31 -2.79 23.65
C HIS A 45 21.92 -1.83 22.52
N ILE A 46 20.81 -2.08 21.82
CA ILE A 46 20.33 -1.21 20.75
C ILE A 46 19.02 -0.61 21.26
N LYS A 47 19.09 0.64 21.74
CA LYS A 47 17.93 1.32 22.30
C LYS A 47 17.13 2.00 21.18
N ILE A 48 15.81 1.82 21.19
CA ILE A 48 14.93 2.37 20.16
C ILE A 48 14.11 3.52 20.77
N ASN A 49 14.31 4.71 20.24
CA ASN A 49 13.47 5.87 20.54
C ASN A 49 12.38 5.87 19.46
N PHE A 50 11.22 5.33 19.82
CA PHE A 50 10.15 5.10 18.86
C PHE A 50 9.19 6.27 18.87
N VAL A 51 9.04 6.91 17.71
CA VAL A 51 8.23 8.12 17.55
C VAL A 51 7.01 7.78 16.69
N ASN A 52 5.82 7.86 17.27
CA ASN A 52 4.55 7.76 16.54
C ASN A 52 4.29 9.10 15.91
N THR A 53 4.39 9.18 14.58
CA THR A 53 4.26 10.44 13.86
C THR A 53 2.81 10.77 13.48
N GLY A 54 1.86 9.97 13.92
CA GLY A 54 0.46 10.27 13.69
C GLY A 54 -0.04 9.71 12.37
N ALA A 55 -0.75 10.54 11.63
CA ALA A 55 -1.31 10.16 10.34
C ALA A 55 -0.22 10.09 9.28
N ALA A 56 -0.39 9.15 8.33
CA ALA A 56 0.58 9.00 7.27
C ALA A 56 0.89 10.32 6.56
N GLU A 57 -0.13 11.13 6.25
CA GLU A 57 0.11 12.38 5.50
C GLU A 57 1.01 13.30 6.32
N ASP A 58 0.85 13.33 7.64
CA ASP A 58 1.67 14.19 8.48
C ASP A 58 3.09 13.66 8.60
N HIS A 59 3.25 12.33 8.67
CA HIS A 59 4.56 11.69 8.67
C HIS A 59 5.40 12.10 7.47
N PHE A 60 4.85 11.97 6.26
CA PHE A 60 5.65 12.26 5.07
C PHE A 60 6.02 13.74 5.01
N THR A 61 5.11 14.64 5.40
CA THR A 61 5.47 16.06 5.41
CA THR A 61 5.46 16.06 5.41
C THR A 61 6.53 16.36 6.46
N LYS A 62 6.42 15.77 7.64
CA LYS A 62 7.42 15.98 8.69
C LYS A 62 8.79 15.49 8.22
N PHE A 63 8.83 14.37 7.51
CA PHE A 63 10.11 13.82 7.09
C PHE A 63 10.72 14.68 5.98
N GLN A 64 9.91 15.14 5.04
CA GLN A 64 10.44 16.06 4.03
C GLN A 64 11.02 17.32 4.69
N ASN A 65 10.33 17.82 5.71
CA ASN A 65 10.77 19.04 6.40
CA ASN A 65 10.77 19.05 6.37
C ASN A 65 12.16 18.88 6.98
N VAL A 66 12.40 17.79 7.70
CA VAL A 66 13.69 17.60 8.35
C VAL A 66 14.79 17.34 7.34
N VAL A 67 14.47 16.60 6.26
CA VAL A 67 15.49 16.31 5.25
C VAL A 67 15.95 17.59 4.57
N GLN A 68 15.02 18.46 4.18
CA GLN A 68 15.42 19.69 3.52
C GLN A 68 16.23 20.59 4.45
N ALA A 69 15.94 20.55 5.76
CA ALA A 69 16.71 21.31 6.73
C ALA A 69 18.06 20.67 7.04
N GLN A 70 18.23 19.39 6.72
CA GLN A 70 19.44 18.63 7.04
C GLN A 70 19.71 18.61 8.54
N LYS A 71 18.65 18.50 9.33
CA LYS A 71 18.75 18.55 10.78
C LYS A 71 17.61 17.78 11.41
N ASP A 72 17.91 17.09 12.52
CA ASP A 72 16.90 16.36 13.31
C ASP A 72 16.21 15.28 12.48
N ILE A 73 16.98 14.58 11.66
CA ILE A 73 16.46 13.54 10.78
C ILE A 73 16.48 12.20 11.52
N PRO A 74 15.39 11.42 11.52
CA PRO A 74 15.42 10.10 12.17
C PRO A 74 16.43 9.16 11.49
N ASP A 75 16.91 8.17 12.26
CA ASP A 75 17.80 7.16 11.69
C ASP A 75 17.03 6.19 10.81
N VAL A 76 15.82 5.80 11.24
CA VAL A 76 14.97 4.84 10.55
C VAL A 76 13.61 5.47 10.39
N VAL A 77 12.99 5.26 9.22
CA VAL A 77 11.77 5.95 8.86
C VAL A 77 10.87 4.98 8.10
N GLN A 78 9.61 4.89 8.49
CA GLN A 78 8.63 4.13 7.74
C GLN A 78 8.39 4.78 6.37
N MET A 79 8.36 3.95 5.34
CA MET A 79 8.07 4.35 3.97
C MET A 79 6.97 3.41 3.47
N SER A 80 6.55 3.63 2.23
CA SER A 80 5.62 2.72 1.57
C SER A 80 6.05 2.53 0.11
N ALA A 81 5.59 1.42 -0.49
CA ALA A 81 6.06 1.05 -1.83
C ALA A 81 5.57 1.99 -2.93
N ASN A 82 4.57 2.86 -2.67
CA ASN A 82 4.15 3.83 -3.68
C ASN A 82 4.35 5.27 -3.27
N LYS A 83 5.06 5.53 -2.14
CA LYS A 83 5.35 6.91 -1.75
C LYS A 83 6.81 7.15 -1.44
N PHE A 84 7.67 6.12 -1.47
CA PHE A 84 9.08 6.33 -1.18
C PHE A 84 9.86 6.94 -2.34
N GLN A 85 9.32 6.88 -3.57
CA GLN A 85 10.12 7.18 -4.75
C GLN A 85 10.76 8.57 -4.72
N GLN A 86 9.97 9.60 -4.39
CA GLN A 86 10.50 10.95 -4.48
C GLN A 86 11.55 11.20 -3.42
N PHE A 87 11.46 10.48 -2.31
CA PHE A 87 12.48 10.54 -1.27
C PHE A 87 13.76 9.83 -1.69
N ALA A 88 13.63 8.67 -2.34
CA ALA A 88 14.80 7.95 -2.86
C ALA A 88 15.52 8.77 -3.92
N VAL A 89 14.79 9.36 -4.86
CA VAL A 89 15.41 10.02 -6.00
C VAL A 89 16.06 11.33 -5.58
N SER A 90 15.58 11.94 -4.50
CA SER A 90 16.13 13.21 -4.01
C SER A 90 17.27 13.03 -3.02
N GLY A 91 17.61 11.80 -2.65
CA GLY A 91 18.74 11.57 -1.78
C GLY A 91 18.41 11.58 -0.31
N ALA A 92 17.12 11.49 0.06
CA ALA A 92 16.72 11.46 1.47
C ALA A 92 16.95 10.11 2.14
N LEU A 93 17.00 9.03 1.38
CA LEU A 93 17.08 7.68 1.91
C LEU A 93 18.42 7.04 1.56
N LEU A 94 18.94 6.23 2.47
CA LEU A 94 20.15 5.47 2.20
C LEU A 94 19.89 4.39 1.16
N ASN A 95 20.70 4.39 0.09
CA ASN A 95 20.72 3.30 -0.88
C ASN A 95 21.72 2.29 -0.33
N PHE A 96 21.23 1.20 0.24
CA PHE A 96 22.09 0.20 0.87
C PHE A 96 22.33 -1.02 -0.01
N ALA A 97 22.08 -0.90 -1.32
CA ALA A 97 22.36 -1.98 -2.25
C ALA A 97 23.85 -2.33 -2.22
N ASN A 98 24.13 -3.63 -2.16
CA ASN A 98 25.44 -4.20 -2.46
C ASN A 98 25.22 -5.70 -2.60
N ASP A 99 26.23 -6.38 -3.15
CA ASP A 99 26.03 -7.78 -3.51
C ASP A 99 25.68 -8.63 -2.30
N SER A 100 26.30 -8.37 -1.15
CA SER A 100 26.09 -9.21 0.03
CA SER A 100 26.08 -9.22 0.04
C SER A 100 24.66 -9.08 0.56
N ILE A 101 24.16 -7.84 0.65
CA ILE A 101 22.81 -7.62 1.12
C ILE A 101 21.81 -8.19 0.13
N GLU A 102 22.03 -7.95 -1.17
CA GLU A 102 21.12 -8.48 -2.17
C GLU A 102 21.02 -9.99 -2.07
N LYS A 103 22.16 -10.67 -1.96
CA LYS A 103 22.17 -12.13 -1.91
C LYS A 103 21.42 -12.65 -0.70
N ALA A 104 21.67 -12.06 0.46
CA ALA A 104 21.09 -12.58 1.69
C ALA A 104 19.64 -12.15 1.84
N TRP A 105 19.34 -10.86 1.73
CA TRP A 105 18.00 -10.42 2.05
C TRP A 105 16.98 -10.82 0.98
N SER A 106 17.41 -11.01 -0.28
CA SER A 106 16.45 -11.40 -1.31
C SER A 106 15.77 -12.73 -1.00
N LYS A 107 16.45 -13.61 -0.24
CA LYS A 107 15.85 -14.88 0.17
C LYS A 107 14.84 -14.71 1.30
N LEU A 108 14.80 -13.53 1.93
CA LEU A 108 13.97 -13.31 3.10
C LEU A 108 12.59 -12.72 2.80
N TYR A 109 12.40 -12.15 1.61
CA TYR A 109 11.17 -11.45 1.25
C TYR A 109 10.61 -11.99 -0.06
N THR A 110 9.28 -12.10 -0.14
CA THR A 110 8.65 -12.62 -1.36
C THR A 110 8.98 -11.69 -2.53
N LYS A 111 9.16 -12.29 -3.72
CA LYS A 111 9.79 -11.55 -4.81
C LYS A 111 8.98 -10.33 -5.26
N THR A 112 7.65 -10.39 -5.21
CA THR A 112 6.86 -9.23 -5.60
C THR A 112 7.17 -8.03 -4.70
N ALA A 113 7.32 -8.28 -3.41
CA ALA A 113 7.60 -7.23 -2.45
C ALA A 113 9.05 -6.76 -2.54
N TRP A 114 9.98 -7.70 -2.77
CA TRP A 114 11.39 -7.34 -2.86
C TRP A 114 11.68 -6.48 -4.09
N ALA A 115 11.03 -6.75 -5.22
CA ALA A 115 11.23 -5.89 -6.38
C ALA A 115 10.82 -4.45 -6.10
N GLN A 116 9.75 -4.25 -5.35
CA GLN A 116 9.15 -2.94 -5.17
C GLN A 116 9.89 -2.06 -4.18
N VAL A 117 10.83 -2.59 -3.39
CA VAL A 117 11.68 -1.75 -2.54
C VAL A 117 12.95 -1.30 -3.22
N HIS A 118 13.17 -1.71 -4.48
CA HIS A 118 14.22 -1.17 -5.33
C HIS A 118 13.71 0.05 -6.08
N TYR A 119 14.60 0.97 -6.40
CA TYR A 119 14.24 2.02 -7.36
C TYR A 119 15.49 2.56 -8.03
N ALA A 120 15.46 2.68 -9.36
CA ALA A 120 16.57 3.23 -10.12
C ALA A 120 17.88 2.50 -9.82
N GLY A 121 17.78 1.20 -9.54
CA GLY A 121 18.94 0.38 -9.26
C GLY A 121 19.44 0.42 -7.83
N GLY A 122 18.83 1.21 -6.97
CA GLY A 122 19.15 1.22 -5.57
C GLY A 122 18.16 0.40 -4.76
N LEU A 123 18.51 0.14 -3.50
CA LEU A 123 17.70 -0.64 -2.58
C LEU A 123 17.42 0.24 -1.39
N TYR A 124 16.14 0.43 -1.04
CA TYR A 124 15.75 1.50 -0.14
C TYR A 124 14.95 1.09 1.09
N GLY A 125 14.61 -0.18 1.27
CA GLY A 125 13.95 -0.59 2.50
C GLY A 125 13.79 -2.09 2.60
N ALA A 126 13.39 -2.52 3.79
CA ALA A 126 12.94 -3.88 4.00
C ALA A 126 11.42 -3.87 3.93
N PRO A 127 10.78 -4.69 3.07
CA PRO A 127 9.32 -4.75 3.01
C PRO A 127 8.72 -5.20 4.32
N GLN A 128 7.61 -4.57 4.71
CA GLN A 128 6.87 -4.90 5.93
C GLN A 128 5.67 -5.76 5.58
N ASP A 129 4.46 -5.21 5.51
CA ASP A 129 3.30 -5.95 5.05
C ASP A 129 3.20 -5.95 3.53
N ALA A 130 2.59 -6.98 2.99
CA ALA A 130 2.05 -6.95 1.64
C ALA A 130 0.56 -6.65 1.75
N THR A 131 -0.05 -6.11 0.69
CA THR A 131 -1.43 -5.57 0.76
C THR A 131 -2.27 -5.97 -0.45
N PRO A 132 -2.32 -7.25 -0.79
CA PRO A 132 -3.17 -7.67 -1.91
C PRO A 132 -4.59 -7.19 -1.70
N LEU A 133 -5.23 -6.79 -2.79
CA LEU A 133 -6.60 -6.31 -2.69
C LEU A 133 -7.58 -7.41 -2.32
N ALA A 134 -8.57 -7.05 -1.52
CA ALA A 134 -9.70 -7.91 -1.24
C ALA A 134 -10.98 -7.08 -1.36
N ASN A 135 -12.08 -7.74 -1.71
CA ASN A 135 -13.41 -7.12 -1.71
C ASN A 135 -14.14 -7.49 -0.42
N TYR A 136 -14.34 -6.49 0.45
CA TYR A 136 -15.04 -6.66 1.71
C TYR A 136 -16.51 -6.37 1.42
N VAL A 137 -17.34 -7.43 1.49
CA VAL A 137 -18.71 -7.43 0.99
C VAL A 137 -19.69 -7.55 2.14
N ARG A 138 -20.67 -6.64 2.21
CA ARG A 138 -21.80 -6.77 3.15
C ARG A 138 -22.78 -7.78 2.58
N LYS A 139 -22.57 -9.05 2.93
CA LYS A 139 -23.40 -10.12 2.39
C LYS A 139 -24.83 -10.00 2.85
N ASP A 140 -25.07 -9.45 4.05
CA ASP A 140 -26.43 -9.25 4.52
C ASP A 140 -27.20 -8.30 3.59
N ILE A 141 -26.57 -7.22 3.15
CA ILE A 141 -27.21 -6.26 2.26
C ILE A 141 -27.47 -6.90 0.91
N LEU A 142 -26.48 -7.60 0.36
CA LEU A 142 -26.69 -8.26 -0.93
C LEU A 142 -27.80 -9.30 -0.86
N ASP A 143 -27.79 -10.12 0.20
CA ASP A 143 -28.86 -11.11 0.37
C ASP A 143 -30.23 -10.45 0.37
N GLU A 144 -30.37 -9.33 1.10
CA GLU A 144 -31.65 -8.65 1.22
C GLU A 144 -32.18 -8.21 -0.13
N HIS A 145 -31.30 -7.90 -1.08
CA HIS A 145 -31.66 -7.44 -2.41
C HIS A 145 -31.49 -8.52 -3.49
N ASN A 146 -31.33 -9.79 -3.10
CA ASN A 146 -31.27 -10.93 -4.02
C ASN A 146 -30.11 -10.78 -5.00
N LEU A 147 -28.96 -10.30 -4.49
CA LEU A 147 -27.77 -10.03 -5.28
C LEU A 147 -26.64 -10.97 -4.86
N GLN A 148 -25.85 -11.39 -5.83
CA GLN A 148 -24.74 -12.28 -5.63
C GLN A 148 -23.47 -11.51 -5.29
N VAL A 149 -22.58 -12.15 -4.54
CA VAL A 149 -21.23 -11.61 -4.37
C VAL A 149 -20.64 -11.37 -5.76
N PRO A 150 -20.28 -10.15 -6.12
CA PRO A 150 -19.83 -9.90 -7.49
C PRO A 150 -18.40 -10.37 -7.71
N GLU A 151 -18.17 -10.99 -8.88
CA GLU A 151 -16.85 -11.46 -9.26
C GLU A 151 -16.19 -10.60 -10.31
N SER A 152 -16.93 -9.70 -10.96
CA SER A 152 -16.44 -8.89 -12.05
C SER A 152 -16.94 -7.46 -11.90
N TRP A 153 -16.24 -6.54 -12.57
CA TRP A 153 -16.71 -5.15 -12.62
C TRP A 153 -18.04 -5.06 -13.33
N GLU A 154 -18.27 -5.94 -14.31
CA GLU A 154 -19.57 -6.00 -14.98
C GLU A 154 -20.68 -6.31 -13.99
N ASP A 155 -20.45 -7.26 -13.08
CA ASP A 155 -21.44 -7.57 -12.05
C ASP A 155 -21.63 -6.39 -11.11
N ILE A 156 -20.54 -5.73 -10.74
CA ILE A 156 -20.65 -4.58 -9.84
C ILE A 156 -21.58 -3.54 -10.45
N TYR A 157 -21.43 -3.28 -11.75
CA TYR A 157 -22.30 -2.34 -12.45
C TYR A 157 -23.75 -2.82 -12.46
N ASN A 158 -23.98 -4.04 -12.94
CA ASN A 158 -25.35 -4.49 -13.12
C ASN A 158 -26.09 -4.65 -11.78
N GLU A 159 -25.44 -5.27 -10.79
CA GLU A 159 -26.07 -5.40 -9.49
C GLU A 159 -26.16 -4.06 -8.78
N GLY A 160 -25.17 -3.17 -8.99
CA GLY A 160 -25.21 -1.84 -8.38
C GLY A 160 -26.40 -1.01 -8.79
N ILE A 161 -26.75 -1.05 -10.07
CA ILE A 161 -27.95 -0.36 -10.53
C ILE A 161 -29.17 -0.85 -9.74
N LYS A 162 -29.32 -2.17 -9.66
CA LYS A 162 -30.47 -2.72 -8.97
CA LYS A 162 -30.47 -2.73 -8.96
C LYS A 162 -30.48 -2.33 -7.50
N LEU A 163 -29.33 -2.43 -6.82
CA LEU A 163 -29.27 -2.07 -5.42
C LEU A 163 -29.71 -0.63 -5.17
N HIS A 164 -29.16 0.31 -5.93
CA HIS A 164 -29.39 1.72 -5.64
C HIS A 164 -30.77 2.17 -6.06
N LYS A 165 -31.36 1.52 -7.08
CA LYS A 165 -32.76 1.78 -7.43
C LYS A 165 -33.68 1.32 -6.32
N GLU A 166 -33.34 0.19 -5.69
CA GLU A 166 -34.19 -0.37 -4.64
C GLU A 166 -33.98 0.30 -3.29
N ASP A 167 -32.80 0.88 -3.07
CA ASP A 167 -32.38 1.43 -1.77
C ASP A 167 -31.41 2.57 -2.07
N SER A 168 -31.95 3.78 -2.21
CA SER A 168 -31.11 4.90 -2.63
C SER A 168 -30.20 5.41 -1.53
N ASN A 169 -30.23 4.81 -0.35
CA ASN A 169 -29.28 5.12 0.71
C ASN A 169 -28.04 4.23 0.66
N LYS A 170 -27.95 3.31 -0.31
CA LYS A 170 -26.83 2.39 -0.40
C LYS A 170 -26.29 2.41 -1.82
N TYR A 171 -24.98 2.27 -1.93
CA TYR A 171 -24.27 2.16 -3.19
C TYR A 171 -23.50 0.84 -3.25
N MET A 172 -23.30 0.34 -4.46
CA MET A 172 -22.55 -0.89 -4.59
C MET A 172 -21.12 -0.73 -4.10
N GLY A 173 -20.51 0.44 -4.32
CA GLY A 173 -19.17 0.70 -3.82
C GLY A 173 -18.85 2.17 -3.76
N ILE A 174 -17.67 2.46 -3.20
CA ILE A 174 -17.09 3.81 -3.15
C ILE A 174 -15.94 3.92 -4.15
N LEU A 175 -15.87 5.05 -4.84
CA LEU A 175 -14.67 5.45 -5.57
C LEU A 175 -13.92 6.40 -4.65
N GLY A 176 -12.88 5.89 -3.99
CA GLY A 176 -12.19 6.64 -2.95
C GLY A 176 -11.19 7.66 -3.48
N SER A 177 -11.24 8.87 -2.93
CA SER A 177 -10.34 9.96 -3.30
C SER A 177 -8.99 9.87 -2.58
N ASP A 178 -8.29 8.77 -2.86
CA ASP A 178 -6.99 8.47 -2.27
C ASP A 178 -6.11 7.87 -3.37
N ILE A 179 -4.85 8.32 -3.44
CA ILE A 179 -3.99 7.94 -4.56
C ILE A 179 -3.76 6.43 -4.60
N SER A 180 -3.62 5.79 -3.43
CA SER A 180 -3.44 4.34 -3.41
C SER A 180 -4.71 3.62 -3.86
N PHE A 181 -5.85 4.00 -3.28
CA PHE A 181 -7.12 3.35 -3.63
C PHE A 181 -7.35 3.41 -5.15
N PHE A 182 -7.13 4.59 -5.73
CA PHE A 182 -7.45 4.84 -7.15
C PHE A 182 -6.47 4.13 -8.06
N THR A 183 -5.17 4.33 -7.84
CA THR A 183 -4.19 3.63 -8.69
C THR A 183 -4.25 2.11 -8.51
N ASN A 184 -4.61 1.61 -7.31
CA ASN A 184 -4.72 0.17 -7.12
C ASN A 184 -5.78 -0.43 -8.02
N LEU A 185 -6.89 0.28 -8.26
CA LEU A 185 -7.91 -0.24 -9.17
C LEU A 185 -7.38 -0.38 -10.60
N TYR A 186 -6.69 0.65 -11.11
CA TYR A 186 -6.13 0.57 -12.46
C TYR A 186 -5.09 -0.56 -12.56
N ARG A 187 -4.17 -0.63 -11.61
CA ARG A 187 -3.16 -1.69 -11.60
C ARG A 187 -3.82 -3.07 -11.59
N SER A 188 -4.90 -3.23 -10.81
CA SER A 188 -5.57 -4.52 -10.68
C SER A 188 -6.36 -4.93 -11.92
N VAL A 189 -6.55 -4.07 -12.93
CA VAL A 189 -7.13 -4.47 -14.21
C VAL A 189 -6.11 -4.45 -15.34
N GLY A 190 -4.83 -4.28 -15.02
CA GLY A 190 -3.81 -4.28 -16.06
C GLY A 190 -3.74 -3.01 -16.88
N ALA A 191 -4.18 -1.87 -16.34
CA ALA A 191 -4.27 -0.62 -17.10
C ALA A 191 -3.17 0.34 -16.65
N ARG A 192 -2.07 0.37 -17.39
CA ARG A 192 -0.96 1.25 -17.06
C ARG A 192 -1.35 2.72 -17.21
N LEU A 193 -1.00 3.51 -16.20
CA LEU A 193 -1.09 4.97 -16.28
C LEU A 193 0.19 5.61 -16.78
N TRP A 194 1.32 4.90 -16.69
CA TRP A 194 2.65 5.38 -17.01
C TRP A 194 3.60 4.18 -17.04
N LYS A 195 4.79 4.43 -17.56
CA LYS A 195 5.87 3.46 -17.64
C LYS A 195 7.17 4.17 -17.33
N VAL A 196 8.00 3.59 -16.47
CA VAL A 196 9.30 4.16 -16.10
C VAL A 196 10.39 3.32 -16.73
N ASN A 197 11.21 3.96 -17.57
CA ASN A 197 12.38 3.30 -18.19
C ASN A 197 13.67 3.51 -17.43
N SER A 198 13.90 4.71 -16.89
CA SER A 198 15.02 4.97 -16.00
C SER A 198 14.61 6.10 -15.07
N VAL A 199 15.49 6.42 -14.12
CA VAL A 199 15.15 7.44 -13.14
C VAL A 199 14.79 8.76 -13.83
N ASP A 200 15.29 8.99 -15.05
CA ASP A 200 15.06 10.26 -15.72
C ASP A 200 14.30 10.12 -17.05
N ASP A 201 13.56 9.03 -17.24
CA ASP A 201 12.93 8.75 -18.53
C ASP A 201 11.59 8.06 -18.29
N VAL A 202 10.49 8.77 -18.55
CA VAL A 202 9.17 8.26 -18.23
C VAL A 202 8.20 8.51 -19.39
N GLU A 203 7.19 7.65 -19.43
CA GLU A 203 6.12 7.70 -20.42
C GLU A 203 4.79 7.77 -19.68
N LEU A 204 3.95 8.74 -20.05
CA LEU A 204 2.63 8.90 -19.45
C LEU A 204 1.57 8.41 -20.43
N THR A 205 0.68 7.53 -19.96
CA THR A 205 -0.41 6.99 -20.75
C THR A 205 -1.73 7.08 -19.99
N MET A 206 -2.06 8.28 -19.52
CA MET A 206 -3.22 8.48 -18.68
C MET A 206 -4.50 8.76 -19.44
N ASN A 207 -4.44 8.93 -20.77
CA ASN A 207 -5.58 9.27 -21.61
C ASN A 207 -5.62 8.39 -22.85
N SER A 208 -5.24 7.12 -22.74
CA SER A 208 -5.24 6.24 -23.90
C SER A 208 -5.33 4.78 -23.45
N GLY A 209 -5.51 3.90 -24.44
CA GLY A 209 -5.41 2.47 -24.18
C GLY A 209 -6.37 1.99 -23.10
N LYS A 210 -5.92 0.96 -22.35
CA LYS A 210 -6.73 0.35 -21.30
C LYS A 210 -7.06 1.34 -20.17
N ALA A 211 -6.13 2.24 -19.84
CA ALA A 211 -6.42 3.25 -18.81
C ALA A 211 -7.65 4.09 -19.18
N LYS A 212 -7.69 4.61 -20.42
CA LYS A 212 -8.83 5.42 -20.83
C LYS A 212 -10.13 4.61 -20.78
N GLU A 213 -10.09 3.36 -21.25
CA GLU A 213 -11.28 2.53 -21.20
C GLU A 213 -11.78 2.37 -19.76
N PHE A 214 -10.86 2.16 -18.82
CA PHE A 214 -11.26 1.98 -17.43
C PHE A 214 -11.80 3.30 -16.83
N THR A 215 -11.16 4.43 -17.14
CA THR A 215 -11.69 5.72 -16.69
C THR A 215 -13.10 5.93 -17.20
N GLU A 216 -13.34 5.64 -18.48
CA GLU A 216 -14.70 5.76 -19.01
C GLU A 216 -15.69 4.90 -18.23
N PHE A 217 -15.28 3.69 -17.84
CA PHE A 217 -16.14 2.82 -17.06
C PHE A 217 -16.38 3.37 -15.66
N LEU A 218 -15.33 3.87 -15.00
CA LEU A 218 -15.52 4.45 -13.67
C LEU A 218 -16.44 5.65 -13.72
N GLN A 219 -16.30 6.50 -14.74
CA GLN A 219 -17.18 7.65 -14.88
C GLN A 219 -18.64 7.23 -15.09
N LYS A 220 -18.88 6.19 -15.89
CA LYS A 220 -20.25 5.68 -16.07
C LYS A 220 -20.81 5.16 -14.75
N CYS A 221 -19.98 4.49 -13.96
CA CYS A 221 -20.42 4.03 -12.64
C CYS A 221 -20.82 5.19 -11.74
N LEU A 222 -20.02 6.26 -11.73
CA LEU A 222 -20.38 7.46 -10.95
C LEU A 222 -21.68 8.08 -11.46
N LYS A 223 -21.79 8.24 -12.79
CA LYS A 223 -22.97 8.90 -13.37
C LYS A 223 -24.25 8.13 -13.07
N ASP A 224 -24.18 6.78 -13.06
CA ASP A 224 -25.36 5.93 -12.98
C ASP A 224 -25.67 5.45 -11.56
N GLY A 225 -24.86 5.84 -10.57
CA GLY A 225 -25.12 5.53 -9.18
C GLY A 225 -24.62 4.18 -8.70
N VAL A 226 -23.66 3.57 -9.41
CA VAL A 226 -23.04 2.30 -9.00
C VAL A 226 -21.97 2.54 -7.94
N LEU A 227 -21.14 3.56 -8.16
CA LEU A 227 -20.13 3.99 -7.21
C LEU A 227 -20.47 5.41 -6.77
N GLU A 228 -20.18 5.72 -5.52
CA GLU A 228 -20.25 7.09 -5.00
C GLU A 228 -18.83 7.60 -4.79
N GLY A 229 -18.52 8.78 -5.30
CA GLY A 229 -17.22 9.37 -5.00
C GLY A 229 -17.20 9.87 -3.56
N GLY A 230 -16.10 9.61 -2.86
CA GLY A 230 -15.96 10.14 -1.52
C GLY A 230 -14.59 9.83 -0.95
N THR A 231 -14.33 10.38 0.24
CA THR A 231 -13.06 10.16 0.90
C THR A 231 -13.04 8.80 1.58
N VAL A 232 -11.84 8.26 1.74
CA VAL A 232 -11.61 7.00 2.48
C VAL A 232 -10.79 7.29 3.74
N PHE A 233 -11.05 6.54 4.80
CA PHE A 233 -10.27 6.62 6.05
C PHE A 233 -10.41 8.01 6.69
N THR A 234 -11.58 8.60 6.51
CA THR A 234 -12.00 9.84 7.17
C THR A 234 -13.19 9.54 8.07
N ASP A 235 -13.61 10.52 8.89
CA ASP A 235 -14.82 10.29 9.67
C ASP A 235 -16.04 10.02 8.77
N GLU A 236 -16.10 10.66 7.60
CA GLU A 236 -17.23 10.39 6.69
C GLU A 236 -17.25 8.92 6.29
N PHE A 237 -16.07 8.39 5.93
CA PHE A 237 -15.98 6.98 5.58
C PHE A 237 -16.26 6.08 6.77
N ASN A 238 -15.75 6.45 7.95
CA ASN A 238 -15.99 5.61 9.12
C ASN A 238 -17.49 5.49 9.41
N ARG A 239 -18.23 6.59 9.32
CA ARG A 239 -19.67 6.51 9.51
C ARG A 239 -20.33 5.65 8.44
N SER A 240 -19.89 5.79 7.18
CA SER A 240 -20.47 5.00 6.08
C SER A 240 -20.26 3.50 6.29
N ILE A 241 -19.12 3.10 6.86
CA ILE A 241 -18.92 1.69 7.23
C ILE A 241 -19.99 1.24 8.21
N ASN A 242 -20.12 1.95 9.33
CA ASN A 242 -21.09 1.51 10.33
C ASN A 242 -22.51 1.54 9.79
N ASP A 243 -22.79 2.43 8.87
CA ASP A 243 -24.13 2.61 8.35
C ASP A 243 -24.45 1.61 7.23
N GLY A 244 -23.47 0.87 6.70
CA GLY A 244 -23.68 -0.02 5.57
C GLY A 244 -23.97 0.73 4.27
N ARG A 245 -23.31 1.87 4.05
CA ARG A 245 -23.57 2.64 2.84
C ARG A 245 -23.03 1.95 1.60
N TYR A 246 -21.99 1.11 1.74
CA TYR A 246 -21.30 0.51 0.59
C TYR A 246 -21.39 -1.01 0.68
N ALA A 247 -22.01 -1.65 -0.33
CA ALA A 247 -22.14 -3.10 -0.28
C ALA A 247 -20.80 -3.80 -0.52
N THR A 248 -19.87 -3.12 -1.19
CA THR A 248 -18.53 -3.64 -1.48
C THR A 248 -17.52 -2.54 -1.21
N PHE A 249 -16.30 -2.97 -0.84
CA PHE A 249 -15.17 -2.06 -0.60
C PHE A 249 -13.92 -2.82 -1.05
N ILE A 250 -13.33 -2.39 -2.15
CA ILE A 250 -12.17 -3.07 -2.76
C ILE A 250 -10.90 -2.35 -2.31
N ASN A 251 -10.10 -2.97 -1.44
CA ASN A 251 -9.05 -2.22 -0.75
C ASN A 251 -7.91 -3.15 -0.33
N GLU A 252 -6.75 -2.53 -0.15
CA GLU A 252 -5.62 -3.16 0.52
C GLU A 252 -6.06 -3.92 1.75
N ASN A 253 -5.53 -5.14 1.92
CA ASN A 253 -6.11 -6.07 2.87
C ASN A 253 -5.74 -5.86 4.34
N TRP A 254 -4.92 -4.85 4.68
CA TRP A 254 -4.82 -4.47 6.10
C TRP A 254 -6.20 -4.06 6.63
N MET A 255 -7.11 -3.65 5.75
CA MET A 255 -8.44 -3.23 6.18
C MET A 255 -9.19 -4.37 6.86
N GLY A 256 -8.89 -5.63 6.50
CA GLY A 256 -9.55 -6.75 7.14
C GLY A 256 -9.35 -6.74 8.65
N ASN A 257 -8.17 -6.31 9.11
CA ASN A 257 -7.91 -6.17 10.54
C ASN A 257 -8.61 -4.93 11.11
N THR A 258 -8.65 -3.84 10.34
CA THR A 258 -9.27 -2.60 10.80
C THR A 258 -10.74 -2.82 11.15
N TYR A 259 -11.47 -3.58 10.35
CA TYR A 259 -12.86 -3.86 10.67
C TYR A 259 -13.00 -4.57 12.02
N LYS A 260 -12.12 -5.54 12.30
CA LYS A 260 -12.20 -6.27 13.56
C LYS A 260 -11.96 -5.34 14.74
N GLU A 261 -11.09 -4.34 14.55
CA GLU A 261 -10.71 -3.39 15.58
C GLU A 261 -11.75 -2.29 15.80
N GLN A 262 -12.36 -1.79 14.73
CA GLN A 262 -13.19 -0.60 14.82
C GLN A 262 -14.68 -0.87 14.65
N ASN A 263 -15.06 -2.04 14.12
CA ASN A 263 -16.44 -2.32 13.76
C ASN A 263 -16.91 -3.67 14.32
N PRO A 264 -16.86 -3.85 15.64
CA PRO A 264 -17.28 -5.15 16.21
C PRO A 264 -18.74 -5.49 15.91
N SER A 265 -19.59 -4.49 15.76
CA SER A 265 -21.01 -4.74 15.52
C SER A 265 -21.29 -5.36 14.17
N LEU A 266 -20.31 -5.41 13.26
CA LEU A 266 -20.50 -6.01 11.94
C LEU A 266 -20.16 -7.50 11.93
N LYS A 267 -19.89 -8.10 13.09
CA LYS A 267 -19.58 -9.51 13.15
C LYS A 267 -20.64 -10.36 12.46
N GLY A 268 -20.18 -11.27 11.62
CA GLY A 268 -21.04 -12.17 10.88
C GLY A 268 -21.63 -11.61 9.59
N LYS A 269 -21.49 -10.31 9.32
CA LYS A 269 -22.20 -9.69 8.20
C LYS A 269 -21.38 -9.60 6.92
N MET A 270 -20.05 -9.67 6.97
CA MET A 270 -19.25 -9.51 5.78
C MET A 270 -18.61 -10.81 5.33
N VAL A 271 -18.46 -10.94 4.01
CA VAL A 271 -17.60 -11.94 3.38
C VAL A 271 -16.40 -11.23 2.79
N VAL A 272 -15.25 -11.90 2.82
CA VAL A 272 -14.04 -11.42 2.15
C VAL A 272 -13.90 -12.21 0.86
N ALA A 273 -13.92 -11.51 -0.28
CA ALA A 273 -13.94 -12.11 -1.60
C ALA A 273 -12.81 -11.58 -2.47
N ALA A 274 -12.54 -12.31 -3.56
CA ALA A 274 -11.54 -11.88 -4.51
C ALA A 274 -11.93 -10.53 -5.12
N PRO A 275 -10.96 -9.68 -5.42
CA PRO A 275 -11.25 -8.45 -6.16
C PRO A 275 -11.72 -8.77 -7.58
N PRO A 276 -12.38 -7.85 -8.26
CA PRO A 276 -13.10 -8.20 -9.49
C PRO A 276 -12.24 -8.32 -10.73
N SER A 277 -12.70 -9.22 -11.62
CA SER A 277 -12.16 -9.29 -12.98
C SER A 277 -12.72 -8.17 -13.86
N TRP A 278 -12.11 -8.01 -15.05
CA TRP A 278 -12.45 -6.98 -16.01
C TRP A 278 -12.43 -7.54 -17.42
N LYS A 279 -13.54 -7.37 -18.13
CA LYS A 279 -13.67 -7.74 -19.55
C LYS A 279 -13.31 -9.21 -19.82
N GLY A 280 -13.65 -10.10 -18.91
CA GLY A 280 -13.31 -11.50 -19.17
C GLY A 280 -11.83 -11.86 -19.23
N GLN A 281 -10.95 -11.02 -18.69
CA GLN A 281 -9.62 -11.43 -18.28
C GLN A 281 -9.72 -12.11 -16.92
N PRO A 282 -8.83 -13.06 -16.58
CA PRO A 282 -8.73 -13.50 -15.18
C PRO A 282 -8.47 -12.27 -14.32
N TYR A 283 -8.99 -12.30 -13.09
CA TYR A 283 -8.77 -11.16 -12.19
C TYR A 283 -7.29 -10.99 -11.87
N GLN A 284 -6.88 -9.74 -11.68
CA GLN A 284 -5.56 -9.38 -11.20
C GLN A 284 -5.70 -8.55 -9.92
N SER A 285 -4.57 -8.19 -9.33
CA SER A 285 -4.56 -7.52 -8.03
C SER A 285 -3.41 -6.50 -7.99
N SER A 286 -3.23 -5.92 -6.80
CA SER A 286 -2.19 -4.94 -6.52
C SER A 286 -1.72 -5.18 -5.09
N SER A 287 -0.44 -4.88 -4.82
CA SER A 287 0.13 -4.96 -3.48
C SER A 287 1.11 -3.81 -3.37
N VAL A 288 0.99 -3.05 -2.28
CA VAL A 288 1.84 -1.89 -2.01
C VAL A 288 2.57 -2.17 -0.71
N GLY A 289 1.99 -1.76 0.43
CA GLY A 289 2.53 -2.06 1.74
C GLY A 289 3.54 -1.05 2.20
N SER A 290 3.86 -1.17 3.50
CA SER A 290 4.89 -0.37 4.11
C SER A 290 6.26 -1.03 3.94
N MET A 291 7.28 -0.25 4.25
CA MET A 291 8.68 -0.69 4.26
C MET A 291 9.36 0.12 5.35
N MET A 292 10.46 -0.38 5.86
CA MET A 292 11.27 0.38 6.81
C MET A 292 12.59 0.72 6.14
N SER A 293 12.93 2.01 6.17
CA SER A 293 14.06 2.59 5.45
C SER A 293 15.05 3.25 6.41
N VAL A 294 16.27 3.48 5.95
CA VAL A 294 17.28 4.20 6.72
C VAL A 294 17.50 5.56 6.07
N SER A 295 17.58 6.61 6.89
CA SER A 295 17.81 7.91 6.30
C SER A 295 19.22 8.02 5.72
N ALA A 296 19.36 8.85 4.69
CA ALA A 296 20.69 9.11 4.14
C ALA A 296 21.58 9.78 5.17
N ALA A 297 21.00 10.56 6.10
CA ALA A 297 21.74 11.23 7.16
C ALA A 297 22.16 10.32 8.31
N CYS A 298 21.70 9.09 8.35
CA CYS A 298 22.05 8.20 9.46
C CYS A 298 23.57 8.11 9.57
N PRO A 299 24.15 8.39 10.75
CA PRO A 299 25.62 8.36 10.88
C PRO A 299 26.19 6.99 10.52
N LYS A 300 27.39 7.01 9.93
CA LYS A 300 27.99 5.79 9.42
C LYS A 300 28.10 4.73 10.49
N GLU A 301 28.47 5.12 11.71
CA GLU A 301 28.63 4.15 12.79
C GLU A 301 27.29 3.63 13.33
N LYS A 302 26.15 4.18 12.89
CA LYS A 302 24.85 3.62 13.22
C LYS A 302 24.17 2.79 12.14
N GLN A 303 24.73 2.80 10.92
CA GLN A 303 24.06 2.21 9.77
C GLN A 303 23.89 0.68 9.90
N ALA A 304 24.90 -0.04 10.38
CA ALA A 304 24.74 -1.48 10.51
C ALA A 304 23.60 -1.84 11.46
N ALA A 305 23.52 -1.15 12.61
CA ALA A 305 22.45 -1.41 13.56
C ALA A 305 21.09 -0.98 13.01
N ALA A 306 21.03 0.14 12.27
CA ALA A 306 19.77 0.54 11.65
C ALA A 306 19.28 -0.53 10.66
N LEU A 307 20.18 -1.04 9.82
CA LEU A 307 19.81 -2.10 8.90
C LEU A 307 19.43 -3.39 9.62
N ALA A 308 20.14 -3.71 10.72
CA ALA A 308 19.79 -4.91 11.48
C ALA A 308 18.38 -4.80 12.07
N PHE A 309 18.03 -3.59 12.55
CA PHE A 309 16.69 -3.37 13.09
C PHE A 309 15.63 -3.53 12.01
N ILE A 310 15.80 -2.89 10.84
CA ILE A 310 14.76 -3.02 9.81
C ILE A 310 14.61 -4.47 9.36
N ASN A 311 15.72 -5.22 9.25
CA ASN A 311 15.61 -6.61 8.82
C ASN A 311 14.96 -7.50 9.88
N TRP A 312 15.30 -7.26 11.16
CA TRP A 312 14.73 -8.06 12.24
C TRP A 312 13.22 -7.82 12.33
N LEU A 313 12.82 -6.55 12.44
CA LEU A 313 11.40 -6.21 12.58
C LEU A 313 10.56 -6.80 11.45
N ASP A 314 11.13 -6.89 10.24
CA ASP A 314 10.39 -7.25 9.05
C ASP A 314 10.58 -8.69 8.58
N SER A 315 11.47 -9.46 9.22
CA SER A 315 11.65 -10.85 8.80
C SER A 315 12.03 -11.88 9.86
N ASP A 316 12.46 -11.48 11.05
CA ASP A 316 12.81 -12.49 12.06
C ASP A 316 11.57 -13.32 12.38
N LYS A 317 11.74 -14.66 12.53
CA LYS A 317 10.57 -15.50 12.76
C LYS A 317 9.81 -15.11 14.04
N ASP A 318 10.53 -14.74 15.09
CA ASP A 318 9.87 -14.27 16.31
C ASP A 318 9.09 -12.98 16.06
N ALA A 319 9.69 -12.05 15.30
CA ALA A 319 9.01 -10.81 14.93
C ALA A 319 7.74 -11.09 14.12
N ILE A 320 7.84 -11.97 13.12
CA ILE A 320 6.67 -12.28 12.30
C ILE A 320 5.54 -12.85 13.16
N GLN A 321 5.88 -13.74 14.12
CA GLN A 321 4.85 -14.26 15.02
C GLN A 321 4.25 -13.17 15.89
N SER A 322 5.09 -12.23 16.37
CA SER A 322 4.59 -11.10 17.15
C SER A 322 3.61 -10.27 16.34
N TRP A 323 3.91 -10.04 15.05
CA TRP A 323 2.98 -9.33 14.17
C TRP A 323 1.60 -9.98 14.15
N GLN A 324 1.55 -11.33 14.21
CA GLN A 324 0.28 -12.03 14.25
C GLN A 324 -0.38 -11.86 15.60
N ASP A 325 0.34 -12.19 16.67
CA ASP A 325 -0.26 -12.28 18.00
C ASP A 325 -0.79 -10.93 18.46
N THR A 326 -0.15 -9.84 18.04
CA THR A 326 -0.52 -8.50 18.50
C THR A 326 -1.48 -7.79 17.55
N ASN A 327 -1.94 -8.46 16.48
CA ASN A 327 -2.94 -7.91 15.55
C ASN A 327 -4.01 -8.98 15.27
N ASN A 328 -4.67 -9.43 16.33
CA ASN A 328 -5.87 -10.26 16.22
C ASN A 328 -5.59 -11.61 15.55
N GLY A 329 -4.34 -12.08 15.60
CA GLY A 329 -3.98 -13.36 15.03
C GLY A 329 -3.60 -13.35 13.57
N ASN A 330 -3.55 -12.20 12.91
CA ASN A 330 -3.09 -12.18 11.53
C ASN A 330 -2.61 -10.80 11.09
N PHE A 331 -1.45 -10.75 10.46
CA PHE A 331 -1.03 -9.59 9.70
C PHE A 331 -0.28 -10.13 8.50
N PHE A 332 -0.56 -9.57 7.32
CA PHE A 332 -0.15 -10.17 6.04
C PHE A 332 1.25 -9.68 5.68
N MET A 333 2.26 -10.47 6.05
CA MET A 333 3.65 -10.02 6.01
C MET A 333 4.35 -10.48 4.74
N ALA A 334 5.18 -9.60 4.18
CA ALA A 334 5.95 -9.91 2.97
C ALA A 334 7.04 -10.97 3.17
N ALA A 335 7.51 -11.14 4.40
CA ALA A 335 8.56 -12.12 4.66
C ALA A 335 8.21 -13.49 4.10
N SER A 336 9.22 -14.14 3.52
CA SER A 336 9.00 -15.48 2.98
C SER A 336 8.61 -16.50 4.05
N VAL A 337 9.04 -16.30 5.31
CA VAL A 337 8.62 -17.25 6.33
C VAL A 337 7.10 -17.24 6.52
N TYR A 338 6.43 -16.13 6.18
CA TYR A 338 4.97 -16.07 6.16
C TYR A 338 4.42 -16.50 4.80
N GLN A 339 4.93 -15.92 3.71
CA GLN A 339 4.35 -16.11 2.39
C GLN A 339 4.51 -17.53 1.90
N ASP A 340 5.54 -18.26 2.35
CA ASP A 340 5.78 -19.61 1.85
C ASP A 340 5.21 -20.67 2.79
N ASP A 341 4.52 -20.26 3.85
CA ASP A 341 3.97 -21.20 4.84
C ASP A 341 2.55 -21.59 4.42
N GLU A 342 2.40 -22.84 4.00
CA GLU A 342 1.09 -23.32 3.56
C GLU A 342 0.04 -23.25 4.66
N ASN A 343 0.46 -23.28 5.92
CA ASN A 343 -0.47 -23.11 7.03
C ASN A 343 -0.90 -21.67 7.26
N GLN A 344 -0.14 -20.67 6.77
CA GLN A 344 -0.71 -19.33 6.68
C GLN A 344 -1.74 -19.27 5.57
N ARG A 345 -1.44 -19.85 4.40
CA ARG A 345 -2.41 -19.81 3.31
C ARG A 345 -3.73 -20.48 3.69
N ASN A 346 -3.66 -21.59 4.42
CA ASN A 346 -4.84 -22.33 4.83
C ASN A 346 -5.28 -22.01 6.26
N LYS A 347 -4.77 -20.92 6.84
CA LYS A 347 -5.17 -20.54 8.20
C LYS A 347 -6.66 -20.24 8.24
N LYS A 348 -7.36 -20.85 9.19
CA LYS A 348 -8.80 -20.67 9.31
C LYS A 348 -9.10 -19.59 10.35
N GLU A 349 -10.13 -18.79 10.07
CA GLU A 349 -10.60 -17.83 11.04
C GLU A 349 -11.21 -18.60 12.20
N THR A 350 -11.01 -18.07 13.41
CA THR A 350 -11.63 -18.69 14.57
C THR A 350 -12.42 -17.72 15.44
N ASP A 351 -12.46 -16.44 15.12
CA ASP A 351 -13.15 -15.47 15.95
C ASP A 351 -14.59 -15.21 15.51
N GLY A 352 -15.05 -15.83 14.43
CA GLY A 352 -16.41 -15.65 13.94
C GLY A 352 -16.72 -14.31 13.30
N TYR A 353 -15.70 -13.48 13.04
CA TYR A 353 -15.98 -12.14 12.55
C TYR A 353 -16.49 -12.14 11.11
N TYR A 354 -15.78 -12.80 10.18
CA TYR A 354 -16.19 -12.88 8.79
C TYR A 354 -17.10 -14.09 8.57
N ALA A 355 -18.06 -13.96 7.66
CA ALA A 355 -18.97 -15.07 7.39
C ALA A 355 -18.29 -16.24 6.71
N ASN A 356 -17.16 -16.03 6.01
CA ASN A 356 -16.34 -17.11 5.50
C ASN A 356 -15.10 -17.26 6.37
N ASP A 357 -14.70 -18.52 6.60
CA ASP A 357 -13.54 -18.76 7.46
C ASP A 357 -12.24 -18.99 6.70
N ASP A 358 -12.26 -18.87 5.37
CA ASP A 358 -11.08 -19.04 4.51
C ASP A 358 -10.51 -17.70 4.04
N VAL A 359 -10.52 -16.69 4.92
CA VAL A 359 -10.09 -15.33 4.56
C VAL A 359 -8.64 -15.32 4.06
N ASN A 360 -7.73 -15.99 4.77
CA ASN A 360 -6.34 -15.96 4.33
C ASN A 360 -6.15 -16.62 2.98
N ALA A 361 -6.96 -17.65 2.64
CA ALA A 361 -6.86 -18.26 1.33
C ALA A 361 -7.21 -17.26 0.23
N VAL A 362 -8.22 -16.42 0.49
CA VAL A 362 -8.60 -15.36 -0.44
C VAL A 362 -7.45 -14.35 -0.58
N TYR A 363 -6.86 -13.94 0.54
CA TYR A 363 -5.74 -13.01 0.47
C TYR A 363 -4.56 -13.58 -0.31
N PHE A 364 -4.24 -14.87 -0.08
CA PHE A 364 -3.11 -15.46 -0.78
C PHE A 364 -3.35 -15.65 -2.27
N ASP A 365 -4.59 -16.00 -2.68
CA ASP A 365 -4.86 -16.08 -4.11
C ASP A 365 -4.72 -14.70 -4.75
N SER A 366 -5.21 -13.66 -4.07
CA SER A 366 -5.06 -12.31 -4.59
C SER A 366 -3.59 -11.92 -4.69
N MET A 367 -2.78 -12.26 -3.67
CA MET A 367 -1.35 -12.00 -3.75
C MET A 367 -0.73 -12.68 -4.97
N ASP A 368 -1.12 -13.92 -5.22
CA ASP A 368 -0.59 -14.67 -6.37
C ASP A 368 -0.90 -13.97 -7.68
N LYS A 369 -2.00 -13.22 -7.75
CA LYS A 369 -2.47 -12.57 -8.97
C LYS A 369 -2.12 -11.07 -9.03
N VAL A 370 -1.25 -10.57 -8.14
CA VAL A 370 -0.82 -9.18 -8.20
C VAL A 370 -0.21 -8.89 -9.56
N ASN A 371 -0.58 -7.73 -10.13
CA ASN A 371 -0.01 -7.26 -11.38
C ASN A 371 1.35 -6.66 -11.06
N THR A 372 2.41 -7.35 -11.47
CA THR A 372 3.77 -6.86 -11.28
C THR A 372 4.27 -6.04 -12.47
N ASP A 373 3.45 -5.90 -13.51
CA ASP A 373 3.82 -5.15 -14.71
C ASP A 373 3.50 -3.68 -14.50
N TRP A 374 4.32 -3.06 -13.65
CA TRP A 374 3.96 -1.76 -13.10
C TRP A 374 5.17 -1.15 -12.42
N GLU A 375 5.31 0.16 -12.54
CA GLU A 375 6.24 0.95 -11.75
C GLU A 375 5.51 2.20 -11.29
N TYR A 376 5.94 2.76 -10.14
CA TYR A 376 5.51 4.08 -9.70
C TYR A 376 6.48 5.14 -10.24
N LEU A 377 5.95 6.34 -10.47
CA LEU A 377 6.76 7.40 -11.04
C LEU A 377 7.82 7.90 -10.04
N PRO A 378 8.88 8.55 -10.53
CA PRO A 378 9.91 9.05 -9.61
C PRO A 378 9.39 10.12 -8.66
N PHE A 379 8.32 10.81 -9.03
CA PHE A 379 7.81 11.96 -8.27
C PHE A 379 6.41 11.68 -7.74
N MET A 380 6.26 10.59 -6.97
CA MET A 380 4.93 10.19 -6.51
C MET A 380 4.31 11.19 -5.54
N SER A 381 5.11 12.00 -4.85
CA SER A 381 4.53 13.03 -3.97
C SER A 381 3.80 14.06 -4.82
N GLN A 382 4.44 14.51 -5.92
CA GLN A 382 3.79 15.43 -6.84
C GLN A 382 2.59 14.78 -7.52
N VAL A 383 2.66 13.47 -7.83
CA VAL A 383 1.49 12.80 -8.39
C VAL A 383 0.29 12.94 -7.46
N GLU A 384 0.50 12.72 -6.16
CA GLU A 384 -0.61 12.82 -5.21
C GLU A 384 -1.16 14.23 -5.14
N VAL A 385 -0.31 15.24 -5.23
CA VAL A 385 -0.76 16.64 -5.25
C VAL A 385 -1.66 16.88 -6.45
N VAL A 386 -1.21 16.48 -7.64
CA VAL A 386 -1.99 16.72 -8.86
C VAL A 386 -3.30 15.95 -8.81
N PHE A 387 -3.27 14.70 -8.33
CA PHE A 387 -4.49 13.90 -8.14
C PHE A 387 -5.50 14.64 -7.28
N ASN A 388 -5.05 15.16 -6.13
CA ASN A 388 -5.94 15.91 -5.24
C ASN A 388 -6.50 17.16 -5.91
N ASP A 389 -5.68 17.89 -6.66
CA ASP A 389 -6.10 19.17 -7.24
C ASP A 389 -6.96 19.02 -8.50
N VAL A 390 -6.74 17.97 -9.29
CA VAL A 390 -7.29 17.88 -10.64
C VAL A 390 -8.29 16.74 -10.77
N ILE A 391 -7.99 15.57 -10.19
CA ILE A 391 -8.83 14.38 -10.41
C ILE A 391 -9.92 14.25 -9.35
N VAL A 392 -9.56 14.40 -8.08
CA VAL A 392 -10.52 14.24 -6.96
C VAL A 392 -11.77 15.10 -7.17
N PRO A 393 -11.68 16.38 -7.59
CA PRO A 393 -12.89 17.20 -7.70
C PRO A 393 -13.88 16.70 -8.72
N GLU A 394 -13.49 15.82 -9.63
CA GLU A 394 -14.40 15.24 -10.62
C GLU A 394 -14.98 13.89 -10.19
N MET A 395 -14.72 13.44 -8.97
CA MET A 395 -15.26 12.17 -8.49
C MET A 395 -16.66 12.36 -7.90
N ASN A 396 -17.61 12.60 -8.82
CA ASN A 396 -19.00 12.78 -8.43
C ASN A 396 -19.89 12.34 -9.58
N GLU A 397 -21.21 12.39 -9.32
CA GLU A 397 -22.22 11.87 -10.22
C GLU A 397 -22.31 12.63 -11.54
N ASN A 398 -21.72 13.83 -11.63
CA ASN A 398 -21.61 14.53 -12.90
C ASN A 398 -20.19 14.70 -13.41
N GLY A 399 -19.27 13.85 -12.92
CA GLY A 399 -17.88 14.15 -13.07
C GLY A 399 -17.39 13.87 -14.46
N ASP A 400 -16.35 14.62 -14.83
CA ASP A 400 -15.59 14.31 -16.02
C ASP A 400 -14.19 13.80 -15.70
N LEU A 401 -14.15 12.53 -15.27
CA LEU A 401 -12.89 11.90 -14.96
C LEU A 401 -12.01 11.76 -16.19
N VAL A 402 -12.62 11.56 -17.37
CA VAL A 402 -11.83 11.42 -18.59
C VAL A 402 -11.03 12.68 -18.85
N GLY A 403 -11.70 13.85 -18.87
CA GLY A 403 -11.01 15.12 -19.05
C GLY A 403 -10.04 15.44 -17.93
N ALA A 404 -10.37 15.06 -16.70
CA ALA A 404 -9.47 15.31 -15.58
C ALA A 404 -8.17 14.51 -15.71
N MET A 405 -8.25 13.26 -16.17
CA MET A 405 -7.03 12.48 -16.35
C MET A 405 -6.13 13.11 -17.40
N ALA A 406 -6.70 13.65 -18.48
CA ALA A 406 -5.89 14.32 -19.49
C ALA A 406 -5.24 15.59 -18.95
N LYS A 407 -5.99 16.39 -18.16
CA LYS A 407 -5.40 17.59 -17.58
C LYS A 407 -4.33 17.27 -16.55
N ALA A 408 -4.54 16.21 -15.76
CA ALA A 408 -3.52 15.83 -14.79
C ALA A 408 -2.24 15.39 -15.48
N GLN A 409 -2.38 14.66 -16.59
CA GLN A 409 -1.22 14.27 -17.40
C GLN A 409 -0.46 15.50 -17.91
N GLN A 410 -1.18 16.54 -18.36
CA GLN A 410 -0.50 17.74 -18.80
C GLN A 410 0.30 18.38 -17.67
N LYS A 411 -0.28 18.46 -16.47
CA LYS A 411 0.45 19.06 -15.35
C LYS A 411 1.67 18.23 -14.98
N LEU A 412 1.55 16.89 -14.99
CA LEU A 412 2.70 16.06 -14.66
C LEU A 412 3.79 16.13 -15.74
N LYS A 413 3.40 16.28 -17.01
CA LYS A 413 4.38 16.47 -18.07
C LYS A 413 5.19 17.74 -17.85
N ALA A 414 4.51 18.83 -17.50
CA ALA A 414 5.19 20.10 -17.27
C ALA A 414 6.12 20.00 -16.07
N TYR A 415 5.67 19.36 -14.99
CA TYR A 415 6.52 19.17 -13.82
C TYR A 415 7.75 18.34 -14.18
N ALA A 416 7.55 17.24 -14.91
CA ALA A 416 8.66 16.39 -15.31
C ALA A 416 9.69 17.17 -16.13
N GLU A 417 9.21 17.93 -17.12
CA GLU A 417 10.11 18.73 -17.96
C GLU A 417 10.86 19.78 -17.14
N ASP A 418 10.16 20.48 -16.24
CA ASP A 418 10.79 21.52 -15.44
C ASP A 418 11.86 20.95 -14.51
N ASN A 419 11.78 19.67 -14.17
CA ASN A 419 12.70 19.05 -13.25
C ASN A 419 13.71 18.13 -13.94
N GLY A 420 13.81 18.20 -15.26
CA GLY A 420 14.87 17.55 -16.00
C GLY A 420 14.62 16.12 -16.41
N PHE A 421 13.39 15.62 -16.27
CA PHE A 421 13.07 14.28 -16.73
C PHE A 421 12.77 14.33 -18.22
N LYS A 422 13.21 13.31 -18.95
CA LYS A 422 12.71 13.07 -20.30
C LYS A 422 11.30 12.47 -20.16
N VAL A 423 10.33 13.02 -20.89
CA VAL A 423 8.94 12.59 -20.76
C VAL A 423 8.25 12.58 -22.12
N THR A 424 7.48 11.52 -22.37
CA THR A 424 6.52 11.47 -23.46
C THR A 424 5.15 11.25 -22.88
N THR A 425 4.12 11.71 -23.59
CA THR A 425 2.74 11.42 -23.22
C THR A 425 1.95 10.97 -24.45
N ASP A 426 0.82 10.31 -24.18
CA ASP A 426 -0.06 9.86 -25.26
C ASP A 426 -0.76 11.02 -25.97
N ALA A 427 -0.59 12.25 -25.51
CA ALA A 427 -1.14 13.42 -26.18
C ALA A 427 -0.12 14.09 -27.10
N ASP A 428 1.10 13.58 -27.16
CA ASP A 428 2.15 14.15 -27.98
C ASP A 428 1.83 13.82 -29.44
#